data_2WD4
#
_entry.id   2WD4
#
_cell.length_a   82.067
_cell.length_b   82.067
_cell.length_c   75.137
_cell.angle_alpha   90.00
_cell.angle_beta   90.00
_cell.angle_gamma   90.00
#
_symmetry.space_group_name_H-M   'P 42 21 2'
#
loop_
_entity.id
_entity.type
_entity.pdbx_description
1 polymer 'ASCORBATE PEROXIDASE'
2 non-polymer 'FE (III) ION'
3 non-polymer 'SODIUM ION'
4 non-polymer 'SULFATE ION'
5 non-polymer '3-[2-[[3-(2-CARBOXYETHYL)-5-[[3-ETHENYL-4-METHYL-5-[(2-METHYLPROPAN-2-YL)OXY]-1H-PYRROL-2-YL]METHYL]-4-METHYL-1H-PYRROL -2-YL]METHYL]-5-[(Z)-(4-ETHENYL-3-METHYL-5-OXO-PYRROL-2-YLIDENE)METHYL]-4-METHYL-1H-PYRROL-3-YL]PROPANOIC ACID'
6 water water
#
_entity_poly.entity_id   1
_entity_poly.type   'polypeptide(L)'
_entity_poly.pdbx_seq_one_letter_code
;MRGSHHHHHHGSGKSYPTVSADYQKAVEKAKKKLRGFIAEKRCAPLMLRLAAHSAGTFDKGTKTGGPFGTIKHPAELAHS
ANNGLDIAVRLLEPLKAEFPILSYADFYQLAGVVAVEVTGGPEVPFHPGREDKPEPPPEGRLPDATKGSDHLRDVFGKAM
GLTDQDIVALSGGHTIGAAHKERSGFEGPWTSNPLIFDNSYFTELLSGEKEGLLQLPSDKALLSDPVFRPLVDKYAADED
AFFADYAEAHQKLSELGFADA
;
_entity_poly.pdbx_strand_id   A
#
loop_
_chem_comp.id
_chem_comp.type
_chem_comp.name
_chem_comp.formula
FE non-polymer 'FE (III) ION' 'Fe 3'
NA non-polymer 'SODIUM ION' 'Na 1'
SO4 non-polymer 'SULFATE ION' 'O4 S -2'
TBV non-polymer '3-[2-[[3-(2-CARBOXYETHYL)-5-[[3-ETHENYL-4-METHYL-5-[(2-METHYLPROPAN-2-YL)OXY]-1H-PYRROL-2-YL]METHYL]-4-METHYL-1H-PYRROL -2-YL]METHYL]-5-[(Z)-(4-ETHENYL-3-METHYL-5-OXO-PYRROL-2-YLIDENE)METHYL]-4-METHYL-1H-PYRROL-3-YL]PROPANOIC ACID' 'C37 H46 N4 O6'
#
# COMPACT_ATOMS: atom_id res chain seq x y z
N GLY A 13 -5.07 17.90 -9.26
CA GLY A 13 -4.34 18.90 -8.44
C GLY A 13 -2.84 18.73 -8.48
N LYS A 14 -2.35 17.80 -9.30
CA LYS A 14 -0.92 17.46 -9.33
C LYS A 14 -0.10 18.16 -10.40
N SER A 15 1.04 18.69 -9.99
CA SER A 15 2.04 19.19 -10.90
C SER A 15 3.36 18.47 -10.67
N TYR A 16 3.63 17.48 -11.50
CA TYR A 16 4.78 16.58 -11.28
C TYR A 16 6.08 17.26 -11.69
N PRO A 17 7.13 17.08 -10.87
CA PRO A 17 8.39 17.73 -11.13
C PRO A 17 9.11 17.14 -12.32
N THR A 18 9.99 17.93 -12.92
CA THR A 18 10.86 17.42 -13.98
CA THR A 18 10.87 17.44 -13.98
C THR A 18 12.00 16.62 -13.37
N VAL A 19 12.27 15.45 -13.95
CA VAL A 19 13.48 14.70 -13.61
C VAL A 19 14.27 14.47 -14.88
N SER A 20 15.58 14.32 -14.74
CA SER A 20 16.45 14.14 -15.90
C SER A 20 16.11 12.86 -16.68
N ALA A 21 16.57 12.81 -17.93
CA ALA A 21 16.45 11.60 -18.73
C ALA A 21 17.11 10.41 -18.05
N ASP A 22 18.28 10.62 -17.43
CA ASP A 22 18.94 9.52 -16.70
C ASP A 22 18.08 9.01 -15.54
N TYR A 23 17.38 9.91 -14.86
CA TYR A 23 16.51 9.50 -13.78
C TYR A 23 15.39 8.60 -14.34
N GLN A 24 14.78 9.04 -15.43
CA GLN A 24 13.70 8.30 -16.08
CA GLN A 24 13.69 8.28 -16.04
C GLN A 24 14.16 6.92 -16.55
N LYS A 25 15.36 6.86 -17.11
CA LYS A 25 15.94 5.57 -17.54
C LYS A 25 16.09 4.63 -16.34
N ALA A 26 16.54 5.16 -15.21
CA ALA A 26 16.66 4.36 -14.00
C ALA A 26 15.30 3.87 -13.49
N VAL A 27 14.28 4.71 -13.58
CA VAL A 27 12.94 4.29 -13.16
C VAL A 27 12.51 3.08 -13.98
N GLU A 28 12.70 3.16 -15.29
CA GLU A 28 12.30 2.09 -16.19
C GLU A 28 13.04 0.78 -15.94
N LYS A 29 14.35 0.87 -15.76
CA LYS A 29 15.15 -0.31 -15.49
C LYS A 29 14.84 -0.89 -14.11
N ALA A 30 14.67 -0.02 -13.11
CA ALA A 30 14.34 -0.47 -11.76
C ALA A 30 12.98 -1.16 -11.75
N LYS A 31 12.02 -0.65 -12.52
CA LYS A 31 10.69 -1.28 -12.59
C LYS A 31 10.82 -2.74 -13.04
N LYS A 32 11.62 -2.97 -14.09
N LYS A 32 11.61 -2.97 -14.09
CA LYS A 32 11.81 -4.33 -14.57
CA LYS A 32 11.85 -4.32 -14.60
C LYS A 32 12.54 -5.23 -13.57
C LYS A 32 12.52 -5.20 -13.54
N LYS A 33 13.60 -4.70 -12.95
CA LYS A 33 14.32 -5.48 -11.94
C LYS A 33 13.41 -5.80 -10.75
N LEU A 34 12.57 -4.83 -10.37
CA LEU A 34 11.61 -5.05 -9.27
C LEU A 34 10.60 -6.16 -9.60
N ARG A 35 10.16 -6.22 -10.85
CA ARG A 35 9.21 -7.28 -11.23
C ARG A 35 9.85 -8.64 -10.96
N GLY A 36 11.04 -8.84 -11.50
CA GLY A 36 11.69 -10.14 -11.40
C GLY A 36 11.97 -10.49 -9.94
N PHE A 37 12.48 -9.51 -9.20
CA PHE A 37 12.85 -9.73 -7.80
C PHE A 37 11.63 -10.05 -6.93
N ILE A 38 10.59 -9.23 -7.07
CA ILE A 38 9.40 -9.42 -6.26
C ILE A 38 8.67 -10.73 -6.59
N ALA A 39 8.61 -11.07 -7.88
CA ALA A 39 8.00 -12.33 -8.26
C ALA A 39 8.80 -13.50 -7.69
N GLU A 40 10.11 -13.48 -7.86
CA GLU A 40 10.95 -14.59 -7.39
C GLU A 40 10.90 -14.77 -5.87
N LYS A 41 10.91 -13.65 -5.14
CA LYS A 41 10.99 -13.67 -3.68
C LYS A 41 9.62 -13.91 -3.03
N ARG A 42 8.55 -13.79 -3.83
CA ARG A 42 7.17 -14.00 -3.35
C ARG A 42 6.78 -12.97 -2.29
N CYS A 43 7.32 -11.77 -2.43
CA CYS A 43 7.16 -10.74 -1.41
C CYS A 43 6.28 -9.58 -1.84
N ALA A 44 5.47 -9.76 -2.89
CA ALA A 44 4.58 -8.68 -3.33
C ALA A 44 3.74 -8.09 -2.18
N PRO A 45 3.09 -8.94 -1.36
CA PRO A 45 2.24 -8.34 -0.33
C PRO A 45 3.03 -7.49 0.66
N LEU A 46 4.19 -7.98 1.09
CA LEU A 46 5.03 -7.21 2.00
C LEU A 46 5.47 -5.88 1.37
N MET A 47 5.74 -5.88 0.06
CA MET A 47 6.16 -4.66 -0.62
C MET A 47 5.03 -3.66 -0.76
N LEU A 48 3.82 -4.16 -1.01
CA LEU A 48 2.65 -3.30 -1.04
C LEU A 48 2.42 -2.68 0.34
N ARG A 49 2.54 -3.48 1.40
CA ARG A 49 2.41 -2.97 2.76
C ARG A 49 3.47 -1.89 3.03
N LEU A 50 4.72 -2.14 2.62
CA LEU A 50 5.80 -1.16 2.79
C LEU A 50 5.46 0.16 2.11
N ALA A 51 5.01 0.10 0.86
CA ALA A 51 4.64 1.30 0.12
C ALA A 51 3.48 2.05 0.78
N ALA A 52 2.46 1.29 1.18
CA ALA A 52 1.29 1.91 1.80
C ALA A 52 1.62 2.58 3.16
N HIS A 53 2.63 2.05 3.86
CA HIS A 53 2.98 2.52 5.22
C HIS A 53 3.98 3.69 5.51
N SER A 54 5.14 3.89 4.87
CA SER A 54 5.40 4.82 3.78
C SER A 54 4.41 5.97 3.54
N ALA A 55 3.39 5.72 2.74
CA ALA A 55 2.52 6.80 2.29
C ALA A 55 1.48 7.23 3.34
N GLY A 56 0.99 6.27 4.13
CA GLY A 56 -0.18 6.46 4.99
C GLY A 56 0.02 7.36 6.20
N THR A 57 1.25 7.81 6.42
CA THR A 57 1.55 8.72 7.52
C THR A 57 1.29 10.19 7.16
N PHE A 58 0.80 10.46 5.95
CA PHE A 58 0.59 11.84 5.53
C PHE A 58 -0.54 12.51 6.30
N ASP A 59 -0.25 13.71 6.79
CA ASP A 59 -1.28 14.56 7.40
C ASP A 59 -1.43 15.82 6.59
N LYS A 60 -2.59 15.99 5.96
CA LYS A 60 -2.86 17.10 5.03
C LYS A 60 -2.79 18.48 5.67
N GLY A 61 -3.24 18.57 6.93
CA GLY A 61 -3.30 19.84 7.65
C GLY A 61 -1.93 20.44 7.89
N THR A 62 -0.96 19.58 8.19
CA THR A 62 0.41 20.03 8.50
C THR A 62 1.39 19.80 7.34
N LYS A 63 0.95 19.02 6.34
CA LYS A 63 1.79 18.60 5.21
C LYS A 63 3.03 17.83 5.67
N THR A 64 2.84 17.00 6.70
CA THR A 64 3.92 16.19 7.26
C THR A 64 3.69 14.71 6.99
N GLY A 65 4.76 13.94 7.07
CA GLY A 65 4.72 12.52 6.74
C GLY A 65 4.52 12.28 5.26
N GLY A 66 4.10 11.07 4.93
CA GLY A 66 3.90 10.71 3.53
C GLY A 66 5.05 9.93 2.93
N PRO A 67 4.94 9.61 1.64
CA PRO A 67 5.85 8.68 0.95
C PRO A 67 7.20 9.32 0.59
N PHE A 68 7.98 9.67 1.62
CA PHE A 68 9.22 10.42 1.40
C PHE A 68 10.48 9.72 1.93
N GLY A 69 10.44 8.39 1.90
CA GLY A 69 11.63 7.59 2.16
C GLY A 69 11.96 7.36 3.62
N THR A 70 11.18 7.93 4.53
CA THR A 70 11.51 7.89 5.95
C THR A 70 11.34 6.51 6.60
N ILE A 71 10.56 5.63 5.96
CA ILE A 71 10.32 4.29 6.50
C ILE A 71 11.60 3.44 6.59
N LYS A 72 12.65 3.83 5.87
N LYS A 72 12.65 3.85 5.87
CA LYS A 72 13.92 3.10 5.95
CA LYS A 72 13.93 3.14 5.93
C LYS A 72 14.64 3.39 7.27
C LYS A 72 14.70 3.44 7.22
N HIS A 73 14.30 4.51 7.89
CA HIS A 73 14.91 4.93 9.16
C HIS A 73 14.54 3.95 10.28
N PRO A 74 15.56 3.41 10.98
N PRO A 74 15.56 3.48 11.04
CA PRO A 74 15.31 2.54 12.14
CA PRO A 74 15.32 2.55 12.15
C PRO A 74 14.23 3.07 13.09
C PRO A 74 14.25 3.07 13.10
N ALA A 75 14.20 4.40 13.28
CA ALA A 75 13.21 5.05 14.16
C ALA A 75 11.76 4.89 13.71
N GLU A 76 11.51 4.87 12.40
CA GLU A 76 10.16 4.64 11.87
C GLU A 76 9.84 3.15 11.78
N LEU A 77 10.84 2.34 11.47
CA LEU A 77 10.68 0.88 11.44
C LEU A 77 10.31 0.32 12.81
N ALA A 78 10.71 1.05 13.85
CA ALA A 78 10.45 0.68 15.23
C ALA A 78 9.00 0.89 15.67
N HIS A 79 8.25 1.72 14.93
CA HIS A 79 6.82 1.91 15.18
C HIS A 79 6.14 0.54 15.18
N SER A 80 5.24 0.34 16.14
N SER A 80 5.22 0.35 16.14
CA SER A 80 4.55 -0.95 16.32
CA SER A 80 4.55 -0.95 16.32
C SER A 80 3.80 -1.39 15.06
C SER A 80 3.76 -1.39 15.09
N ALA A 81 3.12 -0.44 14.42
CA ALA A 81 2.36 -0.71 13.19
C ALA A 81 3.22 -1.21 12.03
N ASN A 82 4.53 -0.99 12.14
CA ASN A 82 5.51 -1.34 11.12
C ASN A 82 6.28 -2.63 11.39
N ASN A 83 5.82 -3.43 12.36
CA ASN A 83 6.43 -4.73 12.69
CA ASN A 83 6.48 -4.69 12.68
C ASN A 83 6.59 -5.57 11.43
N GLY A 84 7.81 -6.01 11.15
CA GLY A 84 8.09 -6.84 9.98
C GLY A 84 8.53 -6.09 8.72
N LEU A 85 8.32 -4.78 8.68
CA LEU A 85 8.70 -4.00 7.50
C LEU A 85 10.21 -3.81 7.34
N ASP A 86 10.95 -4.02 8.42
CA ASP A 86 12.41 -4.07 8.36
C ASP A 86 12.90 -5.16 7.38
N ILE A 87 12.14 -6.26 7.29
CA ILE A 87 12.40 -7.33 6.33
C ILE A 87 12.31 -6.76 4.92
N ALA A 88 11.25 -6.01 4.65
CA ALA A 88 11.03 -5.40 3.33
C ALA A 88 12.16 -4.45 2.94
N VAL A 89 12.55 -3.58 3.88
CA VAL A 89 13.63 -2.63 3.64
C VAL A 89 14.95 -3.37 3.32
N ARG A 90 15.27 -4.38 4.13
CA ARG A 90 16.48 -5.19 3.92
C ARG A 90 16.46 -5.87 2.55
N LEU A 91 15.31 -6.46 2.20
CA LEU A 91 15.17 -7.17 0.93
C LEU A 91 15.48 -6.28 -0.27
N LEU A 92 15.08 -5.01 -0.16
CA LEU A 92 15.25 -4.09 -1.28
C LEU A 92 16.62 -3.40 -1.36
N GLU A 93 17.41 -3.45 -0.30
CA GLU A 93 18.64 -2.66 -0.29
C GLU A 93 19.61 -3.02 -1.41
N PRO A 94 19.85 -4.34 -1.65
CA PRO A 94 20.77 -4.65 -2.76
C PRO A 94 20.32 -4.08 -4.12
N LEU A 95 19.03 -4.22 -4.43
N LEU A 95 19.03 -4.20 -4.43
CA LEU A 95 18.50 -3.67 -5.67
CA LEU A 95 18.53 -3.67 -5.70
C LEU A 95 18.60 -2.15 -5.72
C LEU A 95 18.60 -2.14 -5.72
N LYS A 96 18.23 -1.51 -4.60
CA LYS A 96 18.28 -0.05 -4.51
C LYS A 96 19.68 0.47 -4.82
N ALA A 97 20.67 -0.28 -4.35
CA ALA A 97 22.07 0.05 -4.57
C ALA A 97 22.49 0.04 -6.04
N GLU A 98 21.75 -0.69 -6.88
CA GLU A 98 21.99 -0.68 -8.32
C GLU A 98 21.42 0.58 -8.99
N PHE A 99 20.64 1.34 -8.23
CA PHE A 99 19.97 2.55 -8.75
C PHE A 99 20.22 3.72 -7.81
N PRO A 100 21.49 4.12 -7.68
CA PRO A 100 21.83 5.18 -6.74
C PRO A 100 21.13 6.52 -7.06
N ILE A 101 20.82 6.79 -8.33
CA ILE A 101 20.15 8.05 -8.69
C ILE A 101 18.71 8.18 -8.17
N LEU A 102 18.03 7.07 -7.94
CA LEU A 102 16.64 7.11 -7.48
C LEU A 102 16.55 7.44 -6.00
N SER A 103 15.57 8.26 -5.61
CA SER A 103 15.27 8.42 -4.20
C SER A 103 14.70 7.12 -3.62
N TYR A 104 14.93 6.88 -2.34
CA TYR A 104 14.26 5.78 -1.67
C TYR A 104 12.74 5.97 -1.75
N ALA A 105 12.29 7.22 -1.62
CA ALA A 105 10.88 7.56 -1.68
C ALA A 105 10.24 7.02 -2.95
N ASP A 106 10.85 7.32 -4.09
CA ASP A 106 10.39 6.81 -5.38
C ASP A 106 10.53 5.30 -5.47
N PHE A 107 11.66 4.77 -5.01
CA PHE A 107 11.93 3.34 -5.12
C PHE A 107 10.88 2.50 -4.40
N TYR A 108 10.51 2.92 -3.19
CA TYR A 108 9.53 2.16 -2.42
C TYR A 108 8.13 2.28 -3.04
N GLN A 109 7.78 3.46 -3.55
CA GLN A 109 6.48 3.57 -4.23
C GLN A 109 6.47 2.75 -5.52
N LEU A 110 7.60 2.72 -6.24
CA LEU A 110 7.68 1.91 -7.44
C LEU A 110 7.52 0.42 -7.08
N ALA A 111 8.12 0.00 -5.98
CA ALA A 111 7.98 -1.37 -5.53
C ALA A 111 6.52 -1.70 -5.23
N GLY A 112 5.79 -0.77 -4.63
CA GLY A 112 4.35 -1.01 -4.38
C GLY A 112 3.52 -1.16 -5.65
N VAL A 113 3.80 -0.30 -6.63
CA VAL A 113 3.14 -0.36 -7.93
C VAL A 113 3.44 -1.70 -8.62
N VAL A 114 4.71 -2.10 -8.57
CA VAL A 114 5.11 -3.36 -9.17
C VAL A 114 4.47 -4.56 -8.45
N ALA A 115 4.37 -4.50 -7.12
CA ALA A 115 3.74 -5.57 -6.34
C ALA A 115 2.33 -5.83 -6.83
N VAL A 116 1.58 -4.76 -7.09
CA VAL A 116 0.22 -4.87 -7.59
C VAL A 116 0.22 -5.48 -8.99
N GLU A 117 1.11 -4.99 -9.85
CA GLU A 117 1.17 -5.47 -11.22
C GLU A 117 1.51 -6.95 -11.34
N VAL A 118 2.57 -7.40 -10.66
N VAL A 118 2.55 -7.37 -10.65
CA VAL A 118 3.05 -8.79 -10.82
CA VAL A 118 3.05 -8.73 -10.82
C VAL A 118 2.16 -9.85 -10.17
C VAL A 118 2.03 -9.77 -10.35
N THR A 119 1.21 -9.40 -9.35
CA THR A 119 0.20 -10.31 -8.81
C THR A 119 -1.09 -10.28 -9.63
N GLY A 120 -1.09 -9.54 -10.74
CA GLY A 120 -2.21 -9.51 -11.67
C GLY A 120 -3.16 -8.35 -11.51
N GLY A 121 -2.76 -7.37 -10.71
CA GLY A 121 -3.60 -6.20 -10.48
C GLY A 121 -3.52 -5.13 -11.56
N PRO A 122 -4.22 -4.02 -11.34
CA PRO A 122 -4.18 -2.94 -12.34
C PRO A 122 -2.80 -2.30 -12.44
N GLU A 123 -2.56 -1.64 -13.56
CA GLU A 123 -1.34 -0.86 -13.73
C GLU A 123 -1.54 0.53 -13.14
N VAL A 124 -0.94 0.76 -11.97
CA VAL A 124 -1.11 2.03 -11.24
C VAL A 124 -0.13 3.04 -11.86
N PRO A 125 -0.63 4.20 -12.34
CA PRO A 125 0.33 5.18 -12.90
C PRO A 125 1.38 5.58 -11.88
N PHE A 126 2.59 5.80 -12.38
CA PHE A 126 3.71 6.19 -11.54
C PHE A 126 4.41 7.40 -12.12
N HIS A 127 4.64 8.40 -11.25
CA HIS A 127 5.38 9.61 -11.60
C HIS A 127 6.55 9.77 -10.65
N PRO A 128 7.75 9.95 -11.20
CA PRO A 128 8.94 10.10 -10.34
C PRO A 128 9.12 11.52 -9.79
N GLY A 129 10.00 11.64 -8.81
CA GLY A 129 10.41 12.94 -8.31
C GLY A 129 10.26 13.19 -6.82
N ARG A 130 9.81 12.19 -6.06
CA ARG A 130 9.73 12.34 -4.60
C ARG A 130 11.12 12.53 -4.04
N GLU A 131 11.26 13.47 -3.11
CA GLU A 131 12.55 13.66 -2.45
C GLU A 131 12.61 12.93 -1.12
N ASP A 132 13.78 12.41 -0.77
CA ASP A 132 13.94 11.77 0.53
C ASP A 132 14.02 12.83 1.62
N LYS A 133 13.13 12.73 2.61
CA LYS A 133 13.04 13.74 3.66
C LYS A 133 13.75 13.26 4.92
N PRO A 134 14.33 14.20 5.70
CA PRO A 134 15.20 13.84 6.82
C PRO A 134 14.49 13.34 8.08
N GLU A 135 13.25 13.75 8.28
CA GLU A 135 12.56 13.49 9.55
C GLU A 135 11.34 12.59 9.41
N PRO A 136 11.37 11.40 10.03
CA PRO A 136 10.17 10.57 10.11
C PRO A 136 9.03 11.27 10.82
N PRO A 137 7.78 10.99 10.41
CA PRO A 137 6.61 11.54 11.11
C PRO A 137 6.48 10.91 12.49
N PRO A 138 5.71 11.54 13.39
CA PRO A 138 5.48 10.90 14.68
C PRO A 138 4.69 9.60 14.54
N GLU A 139 4.91 8.69 15.49
CA GLU A 139 4.18 7.41 15.52
C GLU A 139 2.71 7.62 15.85
N GLY A 140 1.86 6.74 15.33
CA GLY A 140 0.45 6.69 15.71
C GLY A 140 -0.53 7.17 14.65
N ARG A 141 -0.04 7.41 13.44
CA ARG A 141 -0.90 7.91 12.35
C ARG A 141 -1.54 6.79 11.53
N LEU A 142 -0.94 5.61 11.53
CA LEU A 142 -1.48 4.49 10.77
C LEU A 142 -2.72 3.92 11.48
N PRO A 143 -3.67 3.36 10.71
CA PRO A 143 -4.92 2.91 11.33
C PRO A 143 -4.83 1.67 12.21
N ASP A 144 -5.71 1.65 13.22
CA ASP A 144 -5.86 0.58 14.19
C ASP A 144 -6.85 -0.44 13.64
N ALA A 145 -6.40 -1.67 13.46
CA ALA A 145 -7.21 -2.73 12.87
C ALA A 145 -8.40 -3.17 13.74
N THR A 146 -8.40 -2.77 15.01
CA THR A 146 -9.47 -3.15 15.93
C THR A 146 -10.61 -2.15 15.92
N LYS A 147 -10.43 -1.04 15.23
CA LYS A 147 -11.43 0.03 15.21
C LYS A 147 -12.31 -0.01 13.96
N GLY A 148 -13.23 0.94 13.84
CA GLY A 148 -14.25 0.89 12.80
C GLY A 148 -14.27 2.06 11.86
N SER A 149 -15.47 2.35 11.34
CA SER A 149 -15.64 3.31 10.26
C SER A 149 -15.26 4.74 10.62
N ASP A 150 -15.60 5.16 11.85
CA ASP A 150 -15.22 6.51 12.31
C ASP A 150 -13.71 6.67 12.29
N HIS A 151 -13.00 5.66 12.78
CA HIS A 151 -11.56 5.68 12.78
C HIS A 151 -10.97 5.70 11.38
N LEU A 152 -11.53 4.87 10.50
CA LEU A 152 -11.09 4.84 9.10
C LEU A 152 -11.20 6.21 8.43
N ARG A 153 -12.30 6.91 8.70
CA ARG A 153 -12.49 8.26 8.14
C ARG A 153 -11.53 9.28 8.76
N ASP A 154 -11.24 9.13 10.05
CA ASP A 154 -10.26 9.98 10.72
C ASP A 154 -8.88 9.88 10.05
N VAL A 155 -8.48 8.65 9.76
CA VAL A 155 -7.14 8.39 9.23
C VAL A 155 -7.05 8.63 7.73
N PHE A 156 -7.90 7.98 6.94
CA PHE A 156 -7.87 8.15 5.49
C PHE A 156 -8.41 9.49 5.04
N GLY A 157 -9.44 9.97 5.74
CA GLY A 157 -10.11 11.22 5.34
C GLY A 157 -9.49 12.45 5.96
N LYS A 158 -9.62 12.56 7.29
CA LYS A 158 -9.15 13.76 7.98
C LYS A 158 -7.63 13.98 7.91
N ALA A 159 -6.85 12.91 8.00
CA ALA A 159 -5.40 13.03 7.91
C ALA A 159 -4.91 12.95 6.46
N MET A 160 -5.14 11.83 5.79
CA MET A 160 -4.57 11.67 4.45
C MET A 160 -5.25 12.50 3.37
N GLY A 161 -6.55 12.73 3.51
CA GLY A 161 -7.32 13.51 2.53
C GLY A 161 -7.90 12.68 1.40
N LEU A 162 -8.05 11.38 1.64
CA LEU A 162 -8.63 10.46 0.66
C LEU A 162 -10.13 10.33 0.85
N THR A 163 -10.82 9.82 -0.17
CA THR A 163 -12.29 9.73 -0.15
C THR A 163 -12.81 8.43 0.44
N ASP A 164 -14.12 8.34 0.68
CA ASP A 164 -14.72 7.11 1.17
C ASP A 164 -14.54 5.97 0.17
N GLN A 165 -14.69 6.29 -1.12
CA GLN A 165 -14.40 5.34 -2.18
C GLN A 165 -12.97 4.80 -2.09
N ASP A 166 -12.01 5.70 -1.88
CA ASP A 166 -10.60 5.31 -1.74
C ASP A 166 -10.41 4.35 -0.58
N ILE A 167 -11.10 4.60 0.54
CA ILE A 167 -10.97 3.73 1.71
C ILE A 167 -11.35 2.29 1.37
N VAL A 168 -12.49 2.11 0.72
CA VAL A 168 -12.97 0.76 0.43
C VAL A 168 -12.09 0.12 -0.63
N ALA A 169 -11.74 0.86 -1.69
CA ALA A 169 -10.86 0.32 -2.73
C ALA A 169 -9.51 -0.12 -2.16
N LEU A 170 -8.89 0.74 -1.36
CA LEU A 170 -7.59 0.43 -0.78
C LEU A 170 -7.65 -0.76 0.19
N SER A 171 -8.75 -0.87 0.92
CA SER A 171 -8.95 -2.03 1.80
C SER A 171 -8.81 -3.32 0.99
N GLY A 172 -9.24 -3.27 -0.27
CA GLY A 172 -9.11 -4.40 -1.19
C GLY A 172 -7.68 -4.84 -1.49
N GLY A 173 -6.70 -4.01 -1.14
CA GLY A 173 -5.28 -4.38 -1.24
C GLY A 173 -4.95 -5.62 -0.42
N HIS A 174 -5.79 -5.90 0.58
CA HIS A 174 -5.67 -7.11 1.40
C HIS A 174 -6.00 -8.40 0.62
N THR A 175 -6.38 -8.24 -0.64
CA THR A 175 -6.56 -9.39 -1.51
C THR A 175 -5.25 -10.14 -1.74
N ILE A 176 -4.12 -9.49 -1.46
CA ILE A 176 -2.84 -10.19 -1.42
C ILE A 176 -2.29 -10.14 0.00
N GLY A 177 -1.67 -11.25 0.40
CA GLY A 177 -0.95 -11.30 1.66
C GLY A 177 -1.72 -11.85 2.84
N ALA A 178 -1.15 -11.63 4.01
CA ALA A 178 -1.59 -12.29 5.23
C ALA A 178 -1.09 -11.51 6.43
N ALA A 179 -1.79 -11.67 7.55
CA ALA A 179 -1.28 -11.20 8.84
C ALA A 179 -0.43 -12.30 9.49
N HIS A 180 0.41 -11.89 10.45
CA HIS A 180 1.31 -12.81 11.15
C HIS A 180 1.23 -12.56 12.64
N LYS A 181 1.06 -13.63 13.42
CA LYS A 181 0.87 -13.44 14.86
C LYS A 181 2.06 -12.78 15.55
N GLU A 182 3.24 -12.92 14.94
CA GLU A 182 4.45 -12.30 15.47
C GLU A 182 4.64 -10.85 15.03
N ARG A 183 3.82 -10.40 14.07
CA ARG A 183 3.89 -9.01 13.60
C ARG A 183 2.74 -8.22 14.25
N SER A 184 1.56 -8.21 13.62
CA SER A 184 0.43 -7.54 14.25
C SER A 184 -0.15 -8.35 15.41
N GLY A 185 -0.15 -9.67 15.27
CA GLY A 185 -0.88 -10.54 16.22
C GLY A 185 -2.03 -11.27 15.54
N PHE A 186 -2.63 -10.63 14.52
CA PHE A 186 -3.58 -11.31 13.67
C PHE A 186 -2.84 -12.34 12.83
N GLU A 187 -3.56 -13.27 12.22
CA GLU A 187 -2.91 -14.41 11.59
C GLU A 187 -3.71 -14.97 10.42
N GLY A 188 -3.04 -15.07 9.28
CA GLY A 188 -3.63 -15.72 8.14
C GLY A 188 -3.99 -14.78 7.00
N PRO A 189 -4.29 -15.37 5.84
CA PRO A 189 -4.62 -14.63 4.64
C PRO A 189 -6.07 -14.20 4.61
N TRP A 190 -6.35 -13.11 3.92
CA TRP A 190 -7.72 -12.69 3.68
C TRP A 190 -8.39 -13.52 2.61
N THR A 191 -7.58 -14.09 1.71
CA THR A 191 -8.09 -14.81 0.54
C THR A 191 -7.46 -16.18 0.36
N SER A 192 -8.10 -17.02 -0.46
CA SER A 192 -7.60 -18.36 -0.77
CA SER A 192 -7.59 -18.36 -0.75
C SER A 192 -6.41 -18.31 -1.73
N ASN A 193 -6.19 -17.13 -2.30
CA ASN A 193 -5.11 -16.93 -3.26
CA ASN A 193 -5.10 -16.93 -3.26
C ASN A 193 -4.30 -15.67 -2.92
N PRO A 194 -3.48 -15.75 -1.86
CA PRO A 194 -2.82 -14.54 -1.33
C PRO A 194 -1.71 -13.93 -2.18
N LEU A 195 -1.39 -14.56 -3.33
CA LEU A 195 -0.47 -13.92 -4.27
C LEU A 195 -1.15 -13.53 -5.58
N ILE A 196 -2.49 -13.55 -5.58
CA ILE A 196 -3.26 -13.14 -6.75
C ILE A 196 -4.09 -11.91 -6.40
N PHE A 197 -3.90 -10.84 -7.18
CA PHE A 197 -4.66 -9.62 -7.00
C PHE A 197 -5.97 -9.69 -7.76
N ASP A 198 -7.08 -9.80 -7.02
CA ASP A 198 -8.41 -9.82 -7.63
C ASP A 198 -9.40 -9.27 -6.61
N ASN A 199 -10.69 -9.39 -6.87
CA ASN A 199 -11.71 -8.81 -5.99
C ASN A 199 -12.17 -9.74 -4.87
N SER A 200 -11.45 -10.82 -4.62
CA SER A 200 -11.86 -11.86 -3.67
CA SER A 200 -11.94 -11.83 -3.68
C SER A 200 -11.93 -11.38 -2.22
N TYR A 201 -11.16 -10.34 -1.90
CA TYR A 201 -11.24 -9.75 -0.57
C TYR A 201 -12.71 -9.41 -0.27
N PHE A 202 -13.40 -8.83 -1.25
CA PHE A 202 -14.79 -8.40 -1.08
C PHE A 202 -15.77 -9.57 -1.10
N THR A 203 -15.54 -10.53 -1.99
CA THR A 203 -16.33 -11.77 -2.07
CA THR A 203 -16.40 -11.70 -2.04
C THR A 203 -16.31 -12.51 -0.74
N GLU A 204 -15.12 -12.61 -0.15
CA GLU A 204 -14.92 -13.31 1.12
C GLU A 204 -15.58 -12.56 2.28
N LEU A 205 -15.40 -11.24 2.29
CA LEU A 205 -16.03 -10.39 3.30
CA LEU A 205 -16.05 -10.37 3.28
C LEU A 205 -17.55 -10.62 3.30
N LEU A 206 -18.16 -10.67 2.11
CA LEU A 206 -19.60 -10.88 1.96
C LEU A 206 -20.09 -12.27 2.42
N SER A 207 -19.36 -13.31 2.07
CA SER A 207 -19.78 -14.70 2.30
C SER A 207 -19.83 -15.10 3.78
N GLY A 208 -19.32 -14.22 4.64
CA GLY A 208 -19.14 -14.55 6.04
C GLY A 208 -17.72 -15.04 6.31
N GLU A 209 -17.47 -15.47 7.54
CA GLU A 209 -16.17 -16.00 7.91
C GLU A 209 -16.02 -17.47 7.54
N LYS A 210 -15.13 -17.74 6.60
CA LYS A 210 -14.74 -19.10 6.25
C LYS A 210 -13.52 -19.47 7.09
N GLU A 211 -13.44 -20.74 7.47
CA GLU A 211 -12.28 -21.24 8.21
C GLU A 211 -10.98 -21.12 7.41
N GLY A 212 -9.93 -20.68 8.09
CA GLY A 212 -8.63 -20.46 7.46
C GLY A 212 -8.42 -19.08 6.87
N LEU A 213 -9.47 -18.27 6.82
CA LEU A 213 -9.35 -16.89 6.32
C LEU A 213 -9.55 -15.83 7.40
N LEU A 214 -8.91 -14.68 7.18
CA LEU A 214 -8.89 -13.59 8.16
C LEU A 214 -9.82 -12.45 7.78
N GLN A 215 -10.51 -11.94 8.79
CA GLN A 215 -11.21 -10.66 8.71
C GLN A 215 -10.86 -9.83 9.93
N LEU A 216 -10.26 -8.66 9.72
CA LEU A 216 -9.98 -7.72 10.80
C LEU A 216 -11.27 -6.99 11.16
N PRO A 217 -11.38 -6.49 12.40
CA PRO A 217 -12.52 -5.61 12.70
C PRO A 217 -12.65 -4.42 11.72
N SER A 218 -11.53 -3.90 11.26
CA SER A 218 -11.55 -2.79 10.29
C SER A 218 -12.12 -3.21 8.93
N ASP A 219 -11.96 -4.48 8.56
CA ASP A 219 -12.56 -5.03 7.34
C ASP A 219 -14.07 -5.14 7.53
N LYS A 220 -14.49 -5.70 8.66
CA LYS A 220 -15.92 -5.92 8.92
C LYS A 220 -16.68 -4.60 8.99
N ALA A 221 -15.99 -3.53 9.39
CA ALA A 221 -16.60 -2.20 9.51
C ALA A 221 -17.16 -1.70 8.18
N LEU A 222 -16.54 -2.14 7.08
CA LEU A 222 -17.01 -1.78 5.73
C LEU A 222 -18.41 -2.31 5.42
N LEU A 223 -18.78 -3.44 6.04
CA LEU A 223 -20.05 -4.09 5.72
C LEU A 223 -21.26 -3.39 6.31
N SER A 224 -21.06 -2.70 7.44
CA SER A 224 -22.15 -2.07 8.20
C SER A 224 -22.27 -0.56 7.97
N ASP A 225 -21.30 0.05 7.32
CA ASP A 225 -21.36 1.48 7.04
C ASP A 225 -22.23 1.76 5.81
N PRO A 226 -23.16 2.73 5.91
CA PRO A 226 -24.05 3.10 4.79
C PRO A 226 -23.34 3.48 3.48
N VAL A 227 -22.18 4.11 3.57
CA VAL A 227 -21.44 4.51 2.38
C VAL A 227 -20.48 3.39 1.92
N PHE A 228 -19.82 2.74 2.88
CA PHE A 228 -18.86 1.69 2.52
C PHE A 228 -19.53 0.44 1.91
N ARG A 229 -20.68 0.04 2.44
CA ARG A 229 -21.30 -1.22 1.99
C ARG A 229 -21.64 -1.27 0.48
N PRO A 230 -22.29 -0.22 -0.07
CA PRO A 230 -22.53 -0.27 -1.52
C PRO A 230 -21.28 -0.40 -2.37
N LEU A 231 -20.16 0.13 -1.87
CA LEU A 231 -18.86 -0.02 -2.54
C LEU A 231 -18.35 -1.46 -2.47
N VAL A 232 -18.42 -2.08 -1.29
CA VAL A 232 -18.11 -3.50 -1.15
C VAL A 232 -18.92 -4.35 -2.14
N ASP A 233 -20.23 -4.07 -2.18
CA ASP A 233 -21.13 -4.79 -3.09
C ASP A 233 -20.72 -4.62 -4.55
N LYS A 234 -20.41 -3.38 -4.93
CA LYS A 234 -20.00 -3.07 -6.30
C LYS A 234 -18.73 -3.84 -6.68
N TYR A 235 -17.73 -3.79 -5.81
CA TYR A 235 -16.44 -4.44 -6.08
C TYR A 235 -16.53 -5.95 -6.12
N ALA A 236 -17.39 -6.54 -5.27
CA ALA A 236 -17.61 -7.98 -5.28
C ALA A 236 -18.29 -8.43 -6.58
N ALA A 237 -19.13 -7.56 -7.13
CA ALA A 237 -19.88 -7.86 -8.35
C ALA A 237 -19.14 -7.50 -9.62
N ASP A 238 -18.19 -6.57 -9.53
CA ASP A 238 -17.58 -5.98 -10.72
C ASP A 238 -16.08 -5.75 -10.47
N GLU A 239 -15.28 -6.78 -10.79
CA GLU A 239 -13.83 -6.69 -10.58
C GLU A 239 -13.19 -5.57 -11.40
N ASP A 240 -13.69 -5.33 -12.61
CA ASP A 240 -13.20 -4.21 -13.42
C ASP A 240 -13.38 -2.87 -12.71
N ALA A 241 -14.54 -2.69 -12.08
CA ALA A 241 -14.83 -1.46 -11.34
C ALA A 241 -13.89 -1.35 -10.14
N PHE A 242 -13.65 -2.48 -9.46
CA PHE A 242 -12.66 -2.51 -8.38
C PHE A 242 -11.27 -2.11 -8.86
N PHE A 243 -10.82 -2.71 -9.95
CA PHE A 243 -9.50 -2.39 -10.48
C PHE A 243 -9.35 -0.92 -10.83
N ALA A 244 -10.38 -0.33 -11.42
CA ALA A 244 -10.33 1.09 -11.76
C ALA A 244 -10.21 1.95 -10.50
N ASP A 245 -11.09 1.71 -9.53
CA ASP A 245 -11.11 2.51 -8.33
C ASP A 245 -9.85 2.27 -7.50
N TYR A 246 -9.37 1.02 -7.49
CA TYR A 246 -8.13 0.69 -6.79
C TYR A 246 -6.95 1.46 -7.40
N ALA A 247 -6.83 1.41 -8.72
CA ALA A 247 -5.72 2.12 -9.38
C ALA A 247 -5.74 3.61 -9.04
N GLU A 248 -6.93 4.23 -9.05
CA GLU A 248 -7.07 5.62 -8.70
C GLU A 248 -6.62 5.88 -7.27
N ALA A 249 -7.10 5.06 -6.34
CA ALA A 249 -6.77 5.23 -4.93
C ALA A 249 -5.30 4.99 -4.61
N HIS A 250 -4.72 3.94 -5.17
CA HIS A 250 -3.31 3.65 -4.94
C HIS A 250 -2.46 4.81 -5.48
N GLN A 251 -2.78 5.29 -6.68
CA GLN A 251 -2.00 6.40 -7.19
C GLN A 251 -2.06 7.58 -6.22
N LYS A 252 -3.27 7.94 -5.78
CA LYS A 252 -3.43 9.04 -4.84
C LYS A 252 -2.62 8.82 -3.55
N LEU A 253 -2.74 7.62 -2.98
CA LEU A 253 -2.01 7.28 -1.77
C LEU A 253 -0.51 7.44 -1.99
N SER A 254 0.00 6.90 -3.09
CA SER A 254 1.43 6.96 -3.40
C SER A 254 1.96 8.38 -3.65
N GLU A 255 1.03 9.31 -3.87
CA GLU A 255 1.39 10.69 -4.19
C GLU A 255 1.01 11.70 -3.10
N LEU A 256 0.62 11.21 -1.92
CA LEU A 256 0.22 12.13 -0.84
C LEU A 256 1.36 13.10 -0.52
N GLY A 257 1.06 14.40 -0.53
CA GLY A 257 2.06 15.41 -0.20
C GLY A 257 3.10 15.66 -1.28
N PHE A 258 2.96 14.96 -2.39
CA PHE A 258 3.91 15.01 -3.50
C PHE A 258 3.27 15.68 -4.69
N ALA A 259 3.98 16.63 -5.27
CA ALA A 259 3.53 17.34 -6.47
C ALA A 259 2.19 18.05 -6.20
N ASP A 260 2.03 18.49 -4.94
CA ASP A 260 0.79 19.05 -4.34
C ASP A 260 -0.08 18.03 -3.59
FE FE B . -2.82 -3.44 5.65
NA NA C . -6.16 -12.85 -3.61
S SO4 D . -14.44 3.68 15.83
O1 SO4 D . -13.93 4.91 16.45
O2 SO4 D . -15.87 3.57 16.06
O3 SO4 D . -14.18 3.75 14.40
O4 SO4 D . -13.77 2.53 16.41
CHA TBV E . -1.26 -6.42 6.25
CHB TBV E . -3.97 -3.33 8.88
CHD TBV E . -1.99 -3.58 2.36
NA TBV E . -2.64 -4.66 7.25
C1A TBV E . -1.86 -5.74 7.38
C2A TBV E . -1.84 -6.35 8.73
C3A TBV E . -2.66 -5.43 9.52
C4A TBV E . -3.06 -4.42 8.51
CAA TBV E . -1.11 -7.57 9.19
CBA TBV E . 0.35 -7.27 9.44
CGA TBV E . 0.97 -8.58 9.84
O1A TBV E . 1.79 -9.11 9.06
O2A TBV E . 0.62 -9.10 10.92
CMA TBV E . -2.98 -5.48 10.99
NB TBV E . -4.53 -2.61 6.60
C1B TBV E . -4.72 -2.50 7.93
C2B TBV E . -5.67 -1.46 8.36
C3B TBV E . -6.10 -0.91 7.06
C4B TBV E . -5.37 -1.71 6.06
CMB TBV E . -6.09 -1.08 9.75
CAB TBV E . -7.08 0.17 6.81
CBB TBV E . -7.95 0.03 5.83
NC TBV E . -2.75 -2.00 4.14
C1C TBV E . -3.23 -0.72 4.09
C2C TBV E . -3.36 -0.12 2.73
C3C TBV E . -2.87 -1.23 1.90
C4C TBV E . -2.53 -2.30 2.84
CMC TBV E . -3.86 1.25 2.32
CAC TBV E . -2.70 -1.33 0.43
CBC TBV E . -3.46 -0.70 -0.44
ND TBV E . -1.79 -4.76 4.53
C1D TBV E . -1.60 -4.72 3.19
C2D TBV E . -0.96 -5.91 2.61
C3D TBV E . -0.74 -6.76 3.77
C4D TBV E . -1.30 -5.97 4.87
CMD TBV E . -0.62 -6.19 1.18
OC TBV E . -3.57 0.01 5.21
CAD TBV E . -0.13 -8.14 3.82
CBD TBV E . 1.31 -8.06 4.28
C46 TBV E . -2.35 0.58 7.21
CGD TBV E . 1.97 -9.43 4.23
O2D TBV E . 3.04 -9.54 4.84
O1D TBV E . 1.45 -10.35 3.57
C47 TBV E . -1.39 1.16 5.01
C44 TBV E . -2.70 1.01 5.79
OB TBV E . -5.48 -1.50 4.79
C45 TBV E . -3.38 2.36 5.77
S SO4 F . 0.53 13.89 15.19
O1 SO4 F . 1.37 14.92 14.56
O2 SO4 F . 1.23 13.31 16.32
O3 SO4 F . -0.72 14.50 15.64
O4 SO4 F . 0.23 12.85 14.21
#